data_7ZU9
#
_entry.id   7ZU9
#
_cell.length_a   111.650
_cell.length_b   64.540
_cell.length_c   56.330
_cell.angle_alpha   90.00
_cell.angle_beta   90.03
_cell.angle_gamma   90.00
#
_symmetry.space_group_name_H-M   'C 1 2 1'
#
loop_
_entity.id
_entity.type
_entity.pdbx_description
1 polymer 'Glutamine amidotransferase'
2 water water
#
_entity_poly.entity_id   1
_entity_poly.type   'polypeptide(L)'
_entity_poly.pdbx_seq_one_letter_code
;MRGSHHHHHHGSMAEGEEYDKILVLNFGSQYFHLIVKRLNNIKIFSETKDYGVELKDIKDMNIKGVILSGGPYSVTEAGS
PHLKKEVFEYFLEKKIPIFGIAYGMQEIAVQMNGEVKKSKTSEYGATDVNILRNDNINNITYCRNFGDSSSAMDLYSNYK
LMNETCCLFENIKSDITTVWMNHNDEVTKIPENFYLVSSSENCLICSIYNKEYNIYGVQYHPEVYESLDGELMFYNFAYN
ICKCKKQFDPIRYHELELKNIEKYKHDHYVIAAMSGGIDSTVAAAYTHKIFKERFFGIFIDNGLLRKNEAENVYTFLKST
FPDMNITKIDASENFLSNLQGVTDPEQKRKIIGKLFIEEFEKAVNNIDIDINKTFLLQGTLYPDIIESKCSKNLSDTIKT
HHNVGGLPKNLKFKLFEPFKYLFKDDVKTLSRELNLPEEITNRHPFPGPGLAIRVIGEINKHKLNILREVDDIFINDLKQ
YGLYNQISQAFAVLLSSKSVGVRGDARSYDYVCVLRAVKTSSFMTANWYQIPYDILDKITTRILSEVKGVNRILYDVSSK
PPATIEFE
;
_entity_poly.pdbx_strand_id   A
#
# COMPACT_ATOMS: atom_id res chain seq x y z
N TYR A 19 0.98 -28.76 11.20
CA TYR A 19 0.37 -28.09 10.06
C TYR A 19 -0.18 -26.72 10.45
N ASP A 20 -0.46 -25.88 9.45
CA ASP A 20 -0.90 -24.51 9.66
C ASP A 20 -2.40 -24.45 9.91
N LYS A 21 -2.86 -23.27 10.35
CA LYS A 21 -4.20 -23.16 10.90
C LYS A 21 -4.71 -21.72 10.78
N ILE A 22 -5.97 -21.59 10.39
CA ILE A 22 -6.72 -20.33 10.45
C ILE A 22 -7.88 -20.54 11.41
N LEU A 23 -8.14 -19.55 12.24
CA LEU A 23 -9.14 -19.68 13.30
C LEU A 23 -10.20 -18.61 13.19
N VAL A 24 -11.13 -18.63 14.15
CA VAL A 24 -12.20 -17.65 14.26
C VAL A 24 -12.20 -17.10 15.69
N LEU A 25 -12.46 -15.80 15.80
CA LEU A 25 -12.91 -15.16 17.04
C LEU A 25 -14.35 -14.74 16.76
N ASN A 26 -15.29 -15.59 17.11
CA ASN A 26 -16.68 -15.44 16.70
C ASN A 26 -17.40 -14.44 17.58
N PHE A 27 -18.05 -13.47 16.96
CA PHE A 27 -18.85 -12.48 17.66
C PHE A 27 -20.35 -12.81 17.61
N GLY A 28 -20.89 -13.07 16.43
CA GLY A 28 -22.28 -13.45 16.30
C GLY A 28 -22.53 -14.34 15.10
N SER A 29 -22.04 -15.57 15.16
CA SER A 29 -22.04 -16.48 14.01
C SER A 29 -23.12 -17.54 14.21
N GLN A 30 -24.31 -17.27 13.67
CA GLN A 30 -25.24 -18.33 13.33
C GLN A 30 -24.82 -19.07 12.08
N TYR A 31 -23.76 -18.61 11.43
CA TYR A 31 -23.18 -19.27 10.27
C TYR A 31 -21.67 -19.24 10.43
N PHE A 32 -21.09 -20.37 10.81
CA PHE A 32 -19.65 -20.45 11.00
C PHE A 32 -19.14 -21.80 10.55
N HIS A 33 -20.02 -22.81 10.54
CA HIS A 33 -19.62 -24.07 9.93
C HIS A 33 -19.44 -23.95 8.43
N LEU A 34 -20.08 -22.96 7.79
CA LEU A 34 -19.75 -22.73 6.39
C LEU A 34 -18.37 -22.11 6.25
N ILE A 35 -17.95 -21.27 7.20
CA ILE A 35 -16.62 -20.71 7.08
C ILE A 35 -15.55 -21.73 7.49
N VAL A 36 -15.86 -22.64 8.42
CA VAL A 36 -14.93 -23.74 8.61
C VAL A 36 -14.90 -24.64 7.38
N LYS A 37 -16.07 -24.81 6.74
CA LYS A 37 -16.12 -25.53 5.46
C LYS A 37 -15.25 -24.85 4.42
N ARG A 38 -15.24 -23.51 4.42
CA ARG A 38 -14.42 -22.75 3.48
C ARG A 38 -12.95 -22.93 3.79
N LEU A 39 -12.51 -22.41 4.93
CA LEU A 39 -11.11 -22.46 5.32
C LEU A 39 -10.57 -23.89 5.37
N ASN A 40 -11.43 -24.87 5.26
CA ASN A 40 -10.98 -26.23 5.33
C ASN A 40 -11.14 -26.90 3.98
N ASN A 41 -11.92 -26.28 3.10
CA ASN A 41 -12.01 -26.80 1.75
C ASN A 41 -10.56 -26.72 1.39
N ILE A 42 -9.93 -25.60 1.71
CA ILE A 42 -8.50 -25.50 1.50
C ILE A 42 -7.93 -26.18 2.71
N LYS A 43 -7.23 -27.28 2.52
CA LYS A 43 -6.67 -28.05 3.63
C LYS A 43 -5.88 -27.26 4.60
N ILE A 44 -6.56 -26.42 5.34
CA ILE A 44 -5.94 -25.66 6.43
C ILE A 44 -6.84 -25.84 7.65
N PHE A 45 -6.23 -25.91 8.82
CA PHE A 45 -6.91 -26.38 10.02
C PHE A 45 -7.67 -25.24 10.69
N SER A 46 -8.91 -25.51 11.09
CA SER A 46 -9.81 -24.49 11.62
C SER A 46 -10.77 -25.11 12.62
N GLU A 47 -10.96 -24.45 13.76
CA GLU A 47 -11.86 -24.93 14.79
C GLU A 47 -12.34 -23.75 15.62
N THR A 48 -13.27 -24.02 16.54
CA THR A 48 -14.00 -22.98 17.25
C THR A 48 -13.33 -22.60 18.56
N LYS A 49 -13.40 -21.31 18.89
CA LYS A 49 -12.93 -20.77 20.16
C LYS A 49 -13.84 -19.60 20.53
N ASP A 50 -14.06 -19.42 21.83
CA ASP A 50 -14.88 -18.31 22.28
C ASP A 50 -14.18 -16.99 21.96
N TYR A 51 -14.97 -15.90 21.94
CA TYR A 51 -14.38 -14.59 21.72
C TYR A 51 -13.62 -14.11 22.96
N GLY A 52 -13.82 -14.75 24.09
CA GLY A 52 -12.99 -14.54 25.26
C GLY A 52 -12.04 -15.71 25.48
N VAL A 53 -11.20 -15.99 24.49
CA VAL A 53 -10.25 -17.09 24.53
C VAL A 53 -8.89 -16.55 24.96
N GLU A 54 -8.16 -17.33 25.74
CA GLU A 54 -6.96 -16.84 26.40
C GLU A 54 -5.82 -16.64 25.40
N LEU A 55 -5.01 -15.62 25.66
CA LEU A 55 -3.83 -15.37 24.84
C LEU A 55 -2.80 -16.48 24.99
N LYS A 56 -2.55 -16.90 26.23
CA LYS A 56 -1.55 -17.92 26.50
C LYS A 56 -1.78 -19.18 25.67
N ASP A 57 -3.02 -19.47 25.32
CA ASP A 57 -3.31 -20.64 24.50
C ASP A 57 -2.86 -20.44 23.07
N ILE A 58 -3.24 -19.31 22.47
CA ILE A 58 -3.02 -19.09 21.04
C ILE A 58 -1.62 -18.61 20.69
N LYS A 59 -0.76 -18.39 21.69
CA LYS A 59 0.59 -17.88 21.42
C LYS A 59 1.55 -18.98 20.99
N ASP A 60 1.19 -20.25 21.21
CA ASP A 60 2.13 -21.34 20.95
C ASP A 60 2.21 -21.71 19.47
N MET A 61 1.11 -21.58 18.74
CA MET A 61 0.90 -22.35 17.52
C MET A 61 1.06 -21.49 16.28
N ASN A 62 1.02 -22.18 15.14
CA ASN A 62 1.32 -21.58 13.83
C ASN A 62 0.03 -21.09 13.18
N ILE A 63 -0.54 -20.04 13.78
CA ILE A 63 -1.70 -19.36 13.21
C ILE A 63 -1.23 -18.02 12.66
N LYS A 64 -1.41 -17.81 11.37
CA LYS A 64 -1.13 -16.52 10.74
C LYS A 64 -2.38 -15.91 10.13
N GLY A 65 -3.55 -16.34 10.59
CA GLY A 65 -4.81 -15.74 10.16
C GLY A 65 -5.90 -15.91 11.21
N VAL A 66 -6.66 -14.85 11.46
CA VAL A 66 -7.76 -14.88 12.40
C VAL A 66 -8.92 -14.09 11.80
N ILE A 67 -10.10 -14.72 11.79
CA ILE A 67 -11.31 -14.16 11.19
C ILE A 67 -12.33 -13.87 12.28
N LEU A 68 -13.18 -12.88 12.03
CA LEU A 68 -14.25 -12.53 12.95
C LEU A 68 -15.60 -12.63 12.24
N SER A 69 -16.60 -13.16 12.94
CA SER A 69 -17.92 -13.42 12.38
C SER A 69 -19.01 -12.80 13.25
N GLY A 70 -19.99 -12.17 12.60
CA GLY A 70 -21.11 -11.59 13.32
C GLY A 70 -22.20 -11.14 12.37
N GLY A 71 -23.24 -10.54 12.92
CA GLY A 71 -24.40 -10.13 12.17
C GLY A 71 -24.94 -8.76 12.52
N PRO A 72 -26.25 -8.69 12.82
CA PRO A 72 -26.90 -7.39 13.02
C PRO A 72 -26.86 -6.90 14.46
N TYR A 73 -25.90 -7.39 15.24
CA TYR A 73 -25.79 -6.96 16.63
C TYR A 73 -25.51 -5.47 16.70
N SER A 74 -26.19 -4.79 17.64
CA SER A 74 -26.08 -3.34 17.74
C SER A 74 -24.74 -2.94 18.36
N VAL A 75 -24.06 -1.99 17.71
CA VAL A 75 -22.87 -1.42 18.31
C VAL A 75 -23.24 -0.39 19.37
N THR A 76 -24.44 0.19 19.28
CA THR A 76 -24.81 1.27 20.17
C THR A 76 -24.87 0.84 21.63
N GLU A 77 -25.27 -0.39 21.90
CA GLU A 77 -25.47 -0.89 23.26
C GLU A 77 -24.36 -1.88 23.55
N ALA A 78 -23.43 -1.48 24.44
CA ALA A 78 -22.25 -2.27 24.73
C ALA A 78 -22.64 -3.59 25.41
N GLY A 79 -21.63 -4.40 25.70
CA GLY A 79 -21.83 -5.79 26.04
C GLY A 79 -21.89 -6.70 24.84
N SER A 80 -22.17 -6.13 23.67
CA SER A 80 -22.11 -6.86 22.42
C SER A 80 -20.65 -7.18 22.11
N PRO A 81 -20.38 -8.33 21.46
CA PRO A 81 -19.03 -8.89 21.42
C PRO A 81 -17.95 -7.87 21.03
N HIS A 82 -16.75 -8.10 21.56
CA HIS A 82 -15.72 -7.08 21.73
C HIS A 82 -14.41 -7.76 22.06
N LEU A 83 -13.33 -7.28 21.44
CA LEU A 83 -11.99 -7.76 21.76
C LEU A 83 -11.22 -6.67 22.48
N LYS A 84 -10.43 -7.06 23.48
CA LYS A 84 -9.76 -6.12 24.36
C LYS A 84 -8.57 -5.48 23.64
N LYS A 85 -7.74 -4.74 24.39
CA LYS A 85 -6.64 -3.98 23.80
C LYS A 85 -5.38 -4.82 23.74
N GLU A 86 -4.84 -5.19 24.92
CA GLU A 86 -3.61 -5.97 25.01
C GLU A 86 -3.59 -7.09 23.99
N VAL A 87 -4.76 -7.63 23.67
CA VAL A 87 -4.86 -8.66 22.65
C VAL A 87 -4.79 -8.05 21.25
N PHE A 88 -5.37 -6.85 21.06
CA PHE A 88 -5.25 -6.18 19.77
C PHE A 88 -3.80 -5.81 19.49
N GLU A 89 -3.13 -5.21 20.47
CA GLU A 89 -1.69 -4.97 20.38
C GLU A 89 -0.94 -6.27 20.11
N TYR A 90 -1.24 -7.30 20.90
CA TYR A 90 -0.65 -8.63 20.70
C TYR A 90 -0.72 -9.06 19.24
N PHE A 91 -1.90 -8.93 18.64
CA PHE A 91 -2.11 -9.42 17.28
C PHE A 91 -1.48 -8.51 16.23
N LEU A 92 -1.48 -7.20 16.46
CA LEU A 92 -0.89 -6.28 15.49
C LEU A 92 0.63 -6.31 15.54
N GLU A 93 1.21 -6.69 16.68
CA GLU A 93 2.66 -6.74 16.81
C GLU A 93 3.24 -7.96 16.12
N LYS A 94 2.58 -9.11 16.23
CA LYS A 94 3.04 -10.34 15.60
C LYS A 94 2.91 -10.33 14.08
N LYS A 95 2.53 -9.18 13.50
CA LYS A 95 2.47 -9.02 12.05
C LYS A 95 1.58 -10.06 11.39
N ILE A 96 0.45 -10.37 12.01
CA ILE A 96 -0.53 -11.29 11.46
C ILE A 96 -1.72 -10.47 10.96
N PRO A 97 -2.21 -10.70 9.76
CA PRO A 97 -3.27 -9.85 9.21
C PRO A 97 -4.63 -10.16 9.81
N ILE A 98 -5.52 -9.16 9.75
CA ILE A 98 -6.79 -9.16 10.49
C ILE A 98 -7.96 -9.07 9.51
N PHE A 99 -8.93 -9.97 9.67
CA PHE A 99 -10.05 -10.09 8.74
C PHE A 99 -11.35 -10.21 9.50
N GLY A 100 -12.27 -9.27 9.29
CA GLY A 100 -13.58 -9.32 9.90
C GLY A 100 -14.68 -9.41 8.86
N ILE A 101 -15.81 -10.01 9.25
CA ILE A 101 -16.95 -10.18 8.37
C ILE A 101 -18.16 -9.48 9.00
N ALA A 102 -18.68 -8.48 8.29
CA ALA A 102 -19.84 -7.70 8.73
C ALA A 102 -19.64 -7.18 10.13
N TYR A 103 -20.22 -7.87 11.13
CA TYR A 103 -20.10 -7.40 12.51
C TYR A 103 -18.67 -7.50 13.01
N GLY A 104 -17.97 -8.59 12.67
CA GLY A 104 -16.55 -8.67 12.94
C GLY A 104 -15.78 -7.49 12.36
N MET A 105 -16.07 -7.13 11.11
CA MET A 105 -15.43 -5.95 10.56
C MET A 105 -16.08 -4.66 11.07
N GLN A 106 -17.38 -4.71 11.39
CA GLN A 106 -18.02 -3.58 12.07
C GLN A 106 -17.22 -3.16 13.29
N GLU A 107 -16.65 -4.14 14.01
CA GLU A 107 -15.93 -3.86 15.23
C GLU A 107 -14.42 -3.77 15.04
N ILE A 108 -13.87 -4.37 13.98
CA ILE A 108 -12.49 -4.01 13.63
C ILE A 108 -12.41 -2.55 13.22
N ALA A 109 -13.54 -1.97 12.82
CA ALA A 109 -13.62 -0.54 12.57
C ALA A 109 -13.92 0.27 13.82
N VAL A 110 -14.31 -0.37 14.92
CA VAL A 110 -14.53 0.34 16.18
C VAL A 110 -13.29 0.32 17.06
N GLN A 111 -12.57 -0.80 17.08
CA GLN A 111 -11.28 -0.83 17.74
C GLN A 111 -10.35 0.23 17.15
N MET A 112 -10.46 0.34 15.85
CA MET A 112 -9.66 1.27 15.15
C MET A 112 -10.67 2.24 14.64
N ASN A 113 -11.08 3.19 15.46
CA ASN A 113 -12.09 4.19 15.09
C ASN A 113 -13.48 3.86 15.71
N GLY A 114 -14.56 3.92 14.93
CA GLY A 114 -15.86 3.55 15.45
C GLY A 114 -17.02 4.48 15.29
N GLU A 115 -17.84 4.24 14.29
CA GLU A 115 -19.01 5.03 14.14
C GLU A 115 -20.04 4.27 13.34
N VAL A 116 -21.09 3.82 13.99
CA VAL A 116 -22.16 3.04 13.37
C VAL A 116 -23.48 3.62 13.86
N LYS A 117 -24.14 4.42 13.01
CA LYS A 117 -25.45 4.96 13.37
C LYS A 117 -26.56 4.01 12.92
N LYS A 118 -27.72 4.56 12.59
CA LYS A 118 -28.90 3.76 12.27
C LYS A 118 -29.18 3.81 10.78
N SER A 119 -29.27 2.64 10.17
CA SER A 119 -29.76 2.51 8.79
C SER A 119 -31.21 2.04 8.86
N LYS A 120 -32.14 2.92 8.46
CA LYS A 120 -33.53 2.52 8.38
C LYS A 120 -33.71 1.34 7.44
N THR A 121 -32.87 1.25 6.41
CA THR A 121 -32.95 0.15 5.47
C THR A 121 -32.03 -0.98 5.90
N SER A 122 -32.21 -2.13 5.25
CA SER A 122 -31.41 -3.31 5.50
C SER A 122 -30.65 -3.69 4.24
N GLU A 123 -29.73 -4.64 4.40
CA GLU A 123 -29.15 -5.37 3.28
C GLU A 123 -29.34 -6.85 3.60
N TYR A 124 -30.14 -7.51 2.77
CA TYR A 124 -30.55 -8.90 2.93
C TYR A 124 -30.38 -9.62 1.60
N GLY A 125 -30.01 -10.89 1.68
CA GLY A 125 -29.89 -11.68 0.47
C GLY A 125 -28.64 -11.30 -0.31
N ALA A 126 -28.69 -11.55 -1.61
CA ALA A 126 -27.58 -11.30 -2.52
C ALA A 126 -27.93 -10.13 -3.43
N THR A 127 -27.24 -9.01 -3.24
CA THR A 127 -27.43 -7.83 -4.06
C THR A 127 -26.10 -7.43 -4.69
N ASP A 128 -26.18 -6.77 -5.85
CA ASP A 128 -25.01 -6.46 -6.65
C ASP A 128 -24.25 -5.29 -6.03
N VAL A 129 -22.98 -5.52 -5.70
CA VAL A 129 -22.07 -4.50 -5.19
C VAL A 129 -20.97 -4.32 -6.23
N ASN A 130 -20.64 -3.07 -6.53
CA ASN A 130 -19.88 -2.77 -7.74
C ASN A 130 -18.99 -1.54 -7.58
N ILE A 131 -18.29 -1.45 -6.46
CA ILE A 131 -17.34 -0.37 -6.22
C ILE A 131 -16.02 -1.04 -5.89
N LEU A 132 -15.03 -0.92 -6.79
CA LEU A 132 -13.77 -1.63 -6.62
C LEU A 132 -12.53 -0.87 -7.07
N ARG A 133 -12.67 0.31 -7.65
CA ARG A 133 -11.52 1.04 -8.18
C ARG A 133 -11.67 2.53 -7.91
N ASN A 134 -10.61 3.28 -8.23
CA ASN A 134 -10.58 4.73 -8.02
C ASN A 134 -10.98 5.46 -9.30
N ASP A 135 -12.18 5.15 -9.77
CA ASP A 135 -12.57 5.52 -11.12
C ASP A 135 -14.07 5.35 -11.28
N ASN A 136 -14.86 6.03 -10.47
CA ASN A 136 -16.30 5.71 -10.40
C ASN A 136 -17.09 7.01 -10.20
N ILE A 137 -17.54 7.60 -11.31
CA ILE A 137 -18.41 8.77 -11.27
C ILE A 137 -19.79 8.41 -11.80
N ASN A 138 -19.95 8.45 -13.13
CA ASN A 138 -21.26 8.25 -13.76
C ASN A 138 -21.79 6.84 -13.59
N ASN A 139 -20.92 5.86 -13.32
CA ASN A 139 -21.34 4.45 -13.33
C ASN A 139 -22.48 4.19 -12.36
N ILE A 140 -22.29 4.59 -11.10
CA ILE A 140 -23.18 4.16 -10.02
C ILE A 140 -24.57 4.74 -10.24
N THR A 141 -25.59 3.89 -10.14
CA THR A 141 -26.98 4.34 -10.25
C THR A 141 -27.57 4.69 -8.90
N TYR A 142 -27.17 3.96 -7.84
CA TYR A 142 -27.66 4.19 -6.50
C TYR A 142 -26.83 5.22 -5.75
N CYS A 143 -25.91 5.91 -6.42
CA CYS A 143 -25.12 6.95 -5.76
C CYS A 143 -25.97 8.11 -5.31
N ARG A 144 -27.13 8.31 -5.93
CA ARG A 144 -28.06 9.37 -5.54
C ARG A 144 -29.06 8.90 -4.50
N ASN A 145 -28.70 7.90 -3.69
CA ASN A 145 -29.60 7.40 -2.65
C ASN A 145 -29.59 8.24 -1.39
N PHE A 146 -28.68 9.21 -1.28
CA PHE A 146 -28.75 10.19 -0.20
C PHE A 146 -28.19 11.51 -0.70
N GLY A 147 -28.80 12.60 -0.24
CA GLY A 147 -28.18 13.91 -0.38
C GLY A 147 -28.18 14.52 -1.76
N ASP A 148 -29.00 14.00 -2.68
CA ASP A 148 -29.21 14.64 -3.98
C ASP A 148 -27.89 14.81 -4.74
N SER A 149 -27.19 13.69 -4.91
CA SER A 149 -25.81 13.71 -5.41
C SER A 149 -25.81 13.74 -6.95
N SER A 150 -25.93 14.95 -7.50
CA SER A 150 -25.92 15.10 -8.95
C SER A 150 -24.58 14.73 -9.58
N SER A 151 -23.49 14.77 -8.81
CA SER A 151 -22.19 14.34 -9.29
C SER A 151 -21.59 13.40 -8.27
N ALA A 152 -21.28 12.17 -8.70
CA ALA A 152 -20.85 11.11 -7.80
C ALA A 152 -19.35 11.11 -7.53
N MET A 153 -18.71 12.27 -7.65
CA MET A 153 -17.33 12.43 -7.19
C MET A 153 -17.28 12.66 -5.68
N ASP A 154 -18.43 12.83 -5.03
CA ASP A 154 -18.47 13.09 -3.59
C ASP A 154 -17.91 11.92 -2.80
N LEU A 155 -18.32 10.69 -3.14
CA LEU A 155 -17.77 9.51 -2.48
C LEU A 155 -16.25 9.46 -2.66
N TYR A 156 -15.81 9.51 -3.91
CA TYR A 156 -14.38 9.56 -4.23
C TYR A 156 -13.65 10.62 -3.42
N SER A 157 -14.34 11.71 -3.08
CA SER A 157 -13.71 12.77 -2.31
C SER A 157 -13.60 12.42 -0.84
N ASN A 158 -14.74 12.20 -0.19
CA ASN A 158 -14.75 11.96 1.25
C ASN A 158 -14.11 10.63 1.62
N TYR A 159 -14.00 9.69 0.68
CA TYR A 159 -13.49 8.36 0.97
C TYR A 159 -12.83 7.79 -0.28
N LYS A 160 -11.80 6.97 -0.09
CA LYS A 160 -11.00 6.47 -1.20
C LYS A 160 -10.57 5.01 -0.96
N LEU A 161 -10.46 4.28 -2.06
CA LEU A 161 -10.14 2.86 -2.09
C LEU A 161 -8.64 2.65 -2.31
N MET A 162 -8.18 1.40 -2.18
CA MET A 162 -6.79 1.04 -2.44
C MET A 162 -6.58 1.01 -3.95
N ASN A 163 -5.76 1.94 -4.46
CA ASN A 163 -5.55 2.04 -5.90
C ASN A 163 -5.18 0.70 -6.51
N GLU A 164 -4.20 0.03 -5.93
CA GLU A 164 -3.77 -1.25 -6.44
C GLU A 164 -4.95 -2.16 -6.60
N THR A 165 -5.49 -2.23 -7.79
CA THR A 165 -6.68 -3.03 -8.09
C THR A 165 -7.03 -4.27 -7.29
N CYS A 166 -6.71 -5.43 -7.84
CA CYS A 166 -7.18 -6.61 -7.18
C CYS A 166 -6.27 -7.79 -6.87
N CYS A 167 -5.26 -7.61 -6.01
CA CYS A 167 -4.56 -8.76 -5.44
C CYS A 167 -5.53 -9.58 -4.59
N LEU A 168 -6.33 -8.90 -3.77
CA LEU A 168 -7.58 -9.46 -3.32
C LEU A 168 -8.40 -9.88 -4.53
N PHE A 169 -9.08 -11.02 -4.42
CA PHE A 169 -9.80 -11.62 -5.54
C PHE A 169 -8.85 -11.78 -6.73
N GLU A 170 -7.80 -12.57 -6.50
CA GLU A 170 -6.77 -12.73 -7.51
C GLU A 170 -7.27 -13.62 -8.64
N ASN A 171 -6.88 -13.28 -9.87
CA ASN A 171 -7.19 -14.02 -11.09
C ASN A 171 -8.65 -13.90 -11.50
N ILE A 172 -9.39 -12.93 -10.96
CA ILE A 172 -10.78 -12.69 -11.33
C ILE A 172 -11.19 -11.32 -10.83
N LYS A 173 -12.09 -10.68 -11.60
CA LYS A 173 -12.55 -9.31 -11.29
C LYS A 173 -14.05 -9.02 -11.40
N SER A 174 -14.90 -10.04 -11.40
CA SER A 174 -16.31 -9.80 -11.55
C SER A 174 -16.68 -8.67 -10.61
N ASP A 175 -16.88 -7.47 -11.14
CA ASP A 175 -17.12 -6.30 -10.29
C ASP A 175 -18.48 -6.34 -9.70
N ILE A 176 -19.35 -7.15 -10.26
CA ILE A 176 -20.67 -7.37 -9.66
C ILE A 176 -20.48 -8.51 -8.66
N THR A 177 -20.43 -8.19 -7.38
CA THR A 177 -20.38 -9.21 -6.34
C THR A 177 -21.75 -9.24 -5.68
N THR A 178 -22.47 -10.35 -5.84
CA THR A 178 -23.81 -10.51 -5.31
C THR A 178 -23.71 -11.44 -4.10
N VAL A 179 -23.66 -10.83 -2.93
CA VAL A 179 -23.18 -11.49 -1.72
C VAL A 179 -24.29 -11.51 -0.68
N TRP A 180 -24.31 -12.56 0.13
CA TRP A 180 -25.37 -12.74 1.11
C TRP A 180 -25.13 -11.83 2.30
N MET A 181 -26.18 -11.12 2.71
CA MET A 181 -26.13 -10.27 3.88
C MET A 181 -27.44 -10.38 4.63
N ASN A 182 -27.41 -9.91 5.87
CA ASN A 182 -28.60 -9.70 6.69
C ASN A 182 -28.24 -8.77 7.83
N HIS A 183 -28.22 -7.47 7.55
CA HIS A 183 -27.87 -6.50 8.59
C HIS A 183 -28.74 -5.26 8.45
N ASN A 184 -29.49 -4.96 9.52
CA ASN A 184 -30.32 -3.76 9.51
C ASN A 184 -29.48 -2.52 9.78
N ASP A 185 -28.67 -2.55 10.84
CA ASP A 185 -27.73 -1.47 11.09
C ASP A 185 -26.63 -1.47 10.03
N GLU A 186 -26.11 -0.28 9.74
CA GLU A 186 -25.09 -0.11 8.71
C GLU A 186 -23.89 0.61 9.27
N VAL A 187 -22.70 0.22 8.80
CA VAL A 187 -21.49 0.96 9.10
C VAL A 187 -21.50 2.27 8.34
N THR A 188 -21.11 3.35 9.02
CA THR A 188 -21.27 4.69 8.49
C THR A 188 -19.97 5.44 8.24
N LYS A 189 -18.85 5.01 8.82
CA LYS A 189 -17.62 5.78 8.72
C LYS A 189 -16.43 4.88 8.44
N ILE A 190 -15.35 5.50 7.95
CA ILE A 190 -14.14 4.83 7.52
C ILE A 190 -13.15 4.80 8.68
N PRO A 191 -12.31 3.77 8.78
CA PRO A 191 -11.28 3.75 9.83
C PRO A 191 -10.00 4.45 9.41
N GLU A 192 -9.01 4.44 10.29
CA GLU A 192 -7.72 5.04 9.98
C GLU A 192 -6.99 4.23 8.91
N ASN A 193 -5.97 4.84 8.33
CA ASN A 193 -5.38 4.34 7.09
C ASN A 193 -6.50 4.05 6.10
N PHE A 194 -7.21 5.12 5.75
CA PHE A 194 -8.55 5.01 5.17
C PHE A 194 -8.53 4.23 3.87
N TYR A 195 -9.44 3.27 3.76
CA TYR A 195 -9.51 2.40 2.60
C TYR A 195 -10.91 1.81 2.54
N LEU A 196 -11.41 1.61 1.31
CA LEU A 196 -12.82 1.27 1.13
C LEU A 196 -12.93 0.33 -0.08
N VAL A 197 -13.14 -0.97 0.19
CA VAL A 197 -13.12 -1.95 -0.89
C VAL A 197 -14.46 -2.05 -1.61
N SER A 198 -15.56 -1.72 -0.96
CA SER A 198 -16.88 -1.96 -1.56
C SER A 198 -17.87 -0.91 -1.09
N SER A 199 -18.93 -0.75 -1.87
CA SER A 199 -20.01 0.19 -1.55
C SER A 199 -21.27 -0.27 -2.27
N SER A 200 -22.20 -0.86 -1.52
CA SER A 200 -23.37 -1.51 -2.11
C SER A 200 -24.44 -0.51 -2.52
N GLU A 201 -25.66 -1.02 -2.78
CA GLU A 201 -26.78 -0.15 -3.14
C GLU A 201 -27.30 0.61 -1.93
N ASN A 202 -27.99 -0.09 -1.04
CA ASN A 202 -28.49 0.54 0.18
C ASN A 202 -27.35 0.91 1.14
N CYS A 203 -26.30 0.11 1.18
CA CYS A 203 -25.17 0.31 2.07
C CYS A 203 -23.95 0.68 1.22
N LEU A 204 -23.79 1.96 0.95
CA LEU A 204 -22.67 2.41 0.13
C LEU A 204 -21.25 2.24 0.72
N ILE A 205 -21.09 1.49 1.80
CA ILE A 205 -19.78 1.10 2.30
C ILE A 205 -19.93 -0.42 2.49
N CYS A 206 -19.03 -1.29 2.01
CA CYS A 206 -19.27 -2.74 2.15
C CYS A 206 -18.00 -3.47 2.41
N SER A 207 -16.93 -2.74 2.57
CA SER A 207 -15.67 -3.38 2.93
C SER A 207 -14.62 -2.31 3.18
N ILE A 208 -13.62 -2.68 3.98
CA ILE A 208 -12.54 -1.78 4.39
C ILE A 208 -11.28 -2.63 4.65
N TYR A 209 -10.18 -2.33 3.96
CA TYR A 209 -9.00 -3.17 4.06
C TYR A 209 -7.72 -2.33 4.04
N ASN A 210 -6.86 -2.56 5.02
CA ASN A 210 -5.58 -1.88 5.15
C ASN A 210 -4.46 -2.79 4.66
N LYS A 211 -3.59 -2.26 3.80
CA LYS A 211 -2.65 -3.10 3.07
C LYS A 211 -1.50 -3.56 3.95
N GLU A 212 -0.78 -2.61 4.56
CA GLU A 212 0.44 -2.97 5.29
C GLU A 212 0.15 -3.88 6.47
N TYR A 213 -0.77 -3.47 7.34
CA TYR A 213 -1.23 -4.38 8.36
C TYR A 213 -2.13 -5.47 7.80
N ASN A 214 -2.52 -5.36 6.54
CA ASN A 214 -3.35 -6.35 5.85
C ASN A 214 -4.61 -6.66 6.66
N ILE A 215 -5.16 -5.62 7.29
CA ILE A 215 -6.37 -5.74 8.08
C ILE A 215 -7.55 -5.72 7.11
N TYR A 216 -8.08 -6.90 6.80
CA TYR A 216 -9.24 -6.99 5.93
C TYR A 216 -10.53 -6.81 6.73
N GLY A 217 -11.56 -6.33 6.05
CA GLY A 217 -12.88 -6.26 6.63
C GLY A 217 -13.90 -6.21 5.53
N VAL A 218 -14.96 -7.00 5.66
CA VAL A 218 -15.94 -7.18 4.58
C VAL A 218 -17.32 -7.31 5.22
N GLN A 219 -18.22 -6.38 4.87
CA GLN A 219 -19.56 -6.43 5.43
C GLN A 219 -20.43 -7.51 4.81
N TYR A 220 -19.98 -8.13 3.73
CA TYR A 220 -20.78 -9.14 3.03
C TYR A 220 -20.41 -10.54 3.49
N HIS A 221 -21.44 -11.38 3.62
CA HIS A 221 -21.27 -12.75 4.08
C HIS A 221 -21.35 -13.69 2.88
N PRO A 222 -20.28 -14.43 2.58
CA PRO A 222 -20.31 -15.33 1.42
C PRO A 222 -21.44 -16.34 1.51
N GLU A 223 -21.32 -17.23 2.49
CA GLU A 223 -22.38 -18.16 2.86
C GLU A 223 -22.71 -19.13 1.75
N VAL A 224 -24.01 -19.40 1.54
CA VAL A 224 -24.49 -20.56 0.79
C VAL A 224 -23.89 -20.60 -0.61
N TYR A 225 -24.04 -21.74 -1.28
CA TYR A 225 -23.24 -22.08 -2.44
C TYR A 225 -23.75 -21.49 -3.75
N GLU A 226 -24.93 -20.86 -3.76
CA GLU A 226 -25.46 -20.33 -5.01
C GLU A 226 -24.63 -19.16 -5.54
N SER A 227 -23.89 -18.48 -4.66
CA SER A 227 -23.09 -17.33 -5.05
C SER A 227 -21.64 -17.75 -5.29
N LEU A 228 -21.00 -17.03 -6.22
CA LEU A 228 -19.59 -17.26 -6.55
C LEU A 228 -18.76 -16.00 -6.36
N ASP A 229 -17.47 -16.08 -6.62
CA ASP A 229 -16.52 -14.99 -6.37
C ASP A 229 -16.35 -14.96 -4.90
N GLY A 230 -17.43 -14.83 -4.17
CA GLY A 230 -17.33 -14.89 -2.75
C GLY A 230 -16.64 -16.14 -2.29
N GLU A 231 -16.78 -17.23 -3.03
CA GLU A 231 -16.24 -18.49 -2.55
C GLU A 231 -14.72 -18.52 -2.70
N LEU A 232 -14.22 -18.32 -3.93
CA LEU A 232 -12.79 -18.38 -4.17
C LEU A 232 -12.02 -17.37 -3.34
N MET A 233 -12.69 -16.31 -2.88
CA MET A 233 -12.04 -15.31 -2.04
C MET A 233 -11.39 -15.96 -0.84
N PHE A 234 -12.03 -16.96 -0.24
CA PHE A 234 -11.45 -17.62 0.93
C PHE A 234 -10.27 -18.50 0.55
N TYR A 235 -10.30 -19.10 -0.62
CA TYR A 235 -9.14 -19.85 -1.09
C TYR A 235 -7.92 -18.95 -1.22
N ASN A 236 -8.00 -17.95 -2.12
CA ASN A 236 -6.84 -17.09 -2.34
C ASN A 236 -6.53 -16.28 -1.10
N PHE A 237 -7.54 -16.01 -0.29
CA PHE A 237 -7.42 -15.51 1.07
C PHE A 237 -6.37 -16.31 1.81
N ALA A 238 -6.75 -17.53 2.20
CA ALA A 238 -5.87 -18.42 2.96
C ALA A 238 -4.48 -18.48 2.36
N TYR A 239 -4.37 -18.63 1.03
CA TYR A 239 -3.06 -18.93 0.48
C TYR A 239 -2.20 -17.70 0.22
N ASN A 240 -2.79 -16.58 -0.18
CA ASN A 240 -2.05 -15.38 -0.54
C ASN A 240 -1.75 -14.49 0.65
N ILE A 241 -2.62 -14.48 1.67
CA ILE A 241 -2.21 -13.79 2.89
C ILE A 241 -1.03 -14.50 3.52
N CYS A 242 -0.96 -15.83 3.39
CA CYS A 242 0.04 -16.65 4.07
C CYS A 242 0.26 -17.90 3.25
N LYS A 243 1.52 -18.15 2.87
CA LYS A 243 1.88 -19.37 2.13
C LYS A 243 2.05 -20.50 3.15
N CYS A 244 0.93 -21.12 3.49
CA CYS A 244 0.92 -22.10 4.59
C CYS A 244 1.51 -23.45 4.16
N LYS A 245 0.82 -24.17 3.29
CA LYS A 245 1.20 -25.55 2.99
C LYS A 245 2.56 -25.65 2.30
N LYS A 246 3.05 -24.57 1.70
CA LYS A 246 4.35 -24.58 1.05
C LYS A 246 4.90 -23.17 0.87
N ILE A 251 7.06 -21.75 5.79
CA ILE A 251 6.83 -20.69 4.81
C ILE A 251 8.17 -20.23 4.25
N ARG A 252 8.10 -19.58 3.09
CA ARG A 252 9.27 -19.10 2.37
C ARG A 252 9.30 -17.58 2.29
N TYR A 253 9.36 -16.89 3.43
CA TYR A 253 9.20 -15.45 3.42
C TYR A 253 10.50 -14.68 3.20
N HIS A 254 11.64 -15.25 3.56
CA HIS A 254 12.91 -14.76 3.03
C HIS A 254 13.69 -15.96 2.49
N GLU A 255 14.96 -15.76 2.21
CA GLU A 255 15.89 -16.84 1.80
C GLU A 255 15.84 -17.56 0.45
N LEU A 256 14.70 -18.08 0.03
CA LEU A 256 14.66 -18.97 -1.15
C LEU A 256 15.38 -18.59 -2.47
N GLU A 257 15.06 -17.47 -3.09
CA GLU A 257 15.68 -17.20 -4.40
C GLU A 257 17.07 -16.56 -4.30
N LEU A 258 17.64 -16.46 -3.11
CA LEU A 258 18.88 -15.73 -2.89
C LEU A 258 20.10 -16.64 -3.05
N LYS A 259 20.07 -17.80 -2.42
CA LYS A 259 21.11 -18.79 -2.61
C LYS A 259 20.97 -19.45 -3.98
N ASN A 260 20.51 -18.66 -4.95
CA ASN A 260 20.04 -19.13 -6.24
C ASN A 260 20.64 -18.21 -7.32
N ILE A 261 21.95 -18.30 -7.53
CA ILE A 261 22.62 -17.44 -8.50
C ILE A 261 23.96 -18.06 -8.91
N GLU A 262 23.96 -18.75 -10.06
CA GLU A 262 25.18 -19.37 -10.58
C GLU A 262 26.19 -18.32 -10.97
N LYS A 263 25.98 -17.71 -12.14
CA LYS A 263 26.80 -16.59 -12.60
C LYS A 263 28.22 -17.04 -12.84
N TYR A 264 28.53 -17.42 -14.08
CA TYR A 264 29.80 -18.06 -14.37
C TYR A 264 30.89 -17.05 -14.66
N LYS A 265 32.04 -17.25 -14.02
CA LYS A 265 33.22 -16.42 -14.21
C LYS A 265 32.93 -14.97 -13.92
N HIS A 266 33.71 -14.08 -14.53
CA HIS A 266 33.41 -12.66 -14.48
C HIS A 266 32.41 -12.26 -15.53
N ASP A 267 31.63 -13.21 -16.05
CA ASP A 267 30.61 -12.85 -17.03
C ASP A 267 29.55 -11.95 -16.42
N HIS A 268 29.23 -12.14 -15.15
CA HIS A 268 28.29 -11.22 -14.50
C HIS A 268 28.29 -11.40 -12.99
N TYR A 269 27.85 -10.32 -12.32
CA TYR A 269 27.59 -10.30 -10.89
C TYR A 269 26.29 -9.52 -10.66
N VAL A 270 25.86 -9.42 -9.40
CA VAL A 270 24.58 -8.75 -9.12
C VAL A 270 24.72 -7.25 -9.36
N ILE A 271 23.58 -6.61 -9.63
CA ILE A 271 23.45 -5.17 -9.86
C ILE A 271 22.25 -4.70 -9.05
N ALA A 272 22.31 -3.47 -8.53
CA ALA A 272 21.24 -2.92 -7.71
C ALA A 272 20.68 -1.64 -8.32
N ALA A 273 19.35 -1.53 -8.32
CA ALA A 273 18.66 -0.29 -8.65
C ALA A 273 18.23 0.40 -7.36
N MET A 274 18.42 1.72 -7.34
CA MET A 274 18.13 2.49 -6.15
C MET A 274 17.40 3.79 -6.28
N SER A 275 16.71 4.17 -5.20
CA SER A 275 15.99 5.42 -5.17
C SER A 275 15.83 5.72 -3.70
N GLY A 276 16.69 5.12 -2.89
CA GLY A 276 16.60 5.30 -1.47
C GLY A 276 15.47 4.44 -1.04
N GLY A 277 15.77 3.17 -0.80
CA GLY A 277 14.71 2.23 -0.46
C GLY A 277 14.88 1.26 0.67
N ILE A 278 13.89 1.20 1.55
CA ILE A 278 13.94 0.22 2.62
C ILE A 278 13.96 -1.11 1.96
N ASP A 279 13.08 -1.30 1.00
CA ASP A 279 13.10 -2.50 0.24
C ASP A 279 14.53 -2.85 -0.17
N SER A 280 15.34 -1.85 -0.49
CA SER A 280 16.69 -2.10 -0.98
C SER A 280 17.74 -1.66 -0.01
N THR A 281 17.32 -1.05 1.09
CA THR A 281 18.28 -0.73 2.10
C THR A 281 18.84 -2.08 2.56
N VAL A 282 18.01 -3.12 2.59
CA VAL A 282 18.41 -4.47 3.02
C VAL A 282 18.57 -5.43 1.86
N ALA A 283 18.07 -5.04 0.70
CA ALA A 283 18.22 -5.84 -0.50
C ALA A 283 19.62 -5.68 -0.90
N ALA A 284 20.20 -4.60 -0.43
CA ALA A 284 21.57 -4.36 -0.68
C ALA A 284 22.32 -5.51 -0.13
N ALA A 285 22.07 -5.79 1.13
CA ALA A 285 22.74 -6.86 1.81
C ALA A 285 22.41 -8.19 1.20
N TYR A 286 21.26 -8.29 0.59
CA TYR A 286 20.84 -9.57 0.07
C TYR A 286 21.61 -9.84 -1.16
N THR A 287 22.10 -8.79 -1.75
CA THR A 287 22.77 -8.95 -2.98
C THR A 287 24.22 -8.86 -2.73
N HIS A 288 24.56 -8.14 -1.70
CA HIS A 288 25.92 -7.91 -1.39
C HIS A 288 26.79 -9.15 -1.26
N LYS A 289 26.68 -9.88 -0.18
CA LYS A 289 27.56 -11.02 0.07
C LYS A 289 28.96 -10.51 0.32
N ILE A 290 29.10 -9.21 0.64
CA ILE A 290 30.41 -8.57 0.90
C ILE A 290 31.36 -8.63 -0.25
N PHE A 291 32.60 -9.06 0.00
CA PHE A 291 33.57 -9.26 -1.08
C PHE A 291 34.11 -7.97 -1.65
N LYS A 292 34.32 -6.95 -0.83
CA LYS A 292 34.67 -5.63 -1.35
C LYS A 292 33.39 -5.17 -2.00
N GLU A 293 32.89 -5.87 -3.00
CA GLU A 293 31.58 -5.53 -3.57
C GLU A 293 31.21 -6.32 -4.80
N ARG A 294 29.92 -6.30 -5.17
CA ARG A 294 29.52 -7.00 -6.37
C ARG A 294 28.41 -6.35 -7.17
N PHE A 295 27.93 -5.20 -6.74
CA PHE A 295 26.88 -4.51 -7.49
C PHE A 295 27.14 -3.03 -7.72
N PHE A 296 26.18 -2.34 -8.31
CA PHE A 296 26.28 -0.90 -8.55
C PHE A 296 24.93 -0.22 -8.38
N GLY A 297 24.93 1.05 -8.05
CA GLY A 297 23.72 1.79 -7.86
C GLY A 297 23.29 2.58 -9.05
N ILE A 298 22.04 2.95 -9.13
CA ILE A 298 21.56 3.55 -10.35
C ILE A 298 20.56 4.63 -10.12
N PHE A 299 20.90 5.85 -10.49
CA PHE A 299 19.95 6.98 -10.39
C PHE A 299 19.59 7.42 -8.98
N ILE A 300 19.74 8.71 -8.66
CA ILE A 300 19.29 9.28 -7.34
C ILE A 300 20.31 9.85 -6.33
N ASP A 301 20.97 10.94 -6.67
CA ASP A 301 21.73 11.69 -5.67
C ASP A 301 20.80 12.87 -5.52
N ASN A 302 19.76 12.90 -6.34
CA ASN A 302 18.79 14.00 -6.31
C ASN A 302 18.60 14.66 -4.96
N GLY A 303 18.72 15.98 -4.93
CA GLY A 303 18.43 16.69 -3.70
C GLY A 303 16.96 16.46 -3.47
N LEU A 304 16.21 16.27 -4.56
CA LEU A 304 14.79 15.97 -4.43
C LEU A 304 14.62 14.90 -3.36
N LEU A 305 15.50 13.91 -3.37
CA LEU A 305 15.36 12.80 -2.42
C LEU A 305 16.20 13.12 -1.19
N ARG A 306 15.52 13.51 -0.10
CA ARG A 306 16.17 13.81 1.17
C ARG A 306 17.24 14.87 0.96
N LYS A 307 16.84 16.14 0.92
CA LYS A 307 17.76 17.21 0.49
C LYS A 307 19.09 17.16 1.24
N ASN A 308 19.04 16.95 2.56
CA ASN A 308 20.28 16.81 3.32
C ASN A 308 21.12 15.67 2.77
N GLU A 309 20.49 14.57 2.38
CA GLU A 309 21.18 13.47 1.71
C GLU A 309 21.11 13.71 0.19
N ALA A 310 21.89 14.70 -0.23
CA ALA A 310 22.30 14.88 -1.62
C ALA A 310 23.81 15.10 -1.55
N GLU A 311 24.20 15.95 -0.61
CA GLU A 311 25.59 16.05 -0.18
C GLU A 311 25.99 14.83 0.64
N ASN A 312 25.01 14.17 1.27
CA ASN A 312 25.26 13.02 2.13
C ASN A 312 24.59 11.74 1.66
N VAL A 313 23.92 11.74 0.50
CA VAL A 313 23.19 10.55 0.08
C VAL A 313 24.15 9.41 -0.28
N TYR A 314 25.17 9.72 -1.06
CA TYR A 314 26.03 8.63 -1.52
C TYR A 314 27.03 8.23 -0.44
N THR A 315 27.41 9.17 0.42
CA THR A 315 28.18 8.79 1.60
C THR A 315 27.40 7.80 2.46
N PHE A 316 26.17 8.14 2.85
CA PHE A 316 25.40 7.24 3.70
C PHE A 316 25.13 5.92 3.00
N LEU A 317 24.86 5.97 1.69
CA LEU A 317 24.65 4.73 0.95
C LEU A 317 25.92 3.90 0.88
N LYS A 318 27.08 4.53 1.02
CA LYS A 318 28.32 3.78 1.14
C LYS A 318 28.58 3.31 2.56
N SER A 319 27.95 3.93 3.56
CA SER A 319 28.39 3.81 4.95
C SER A 319 27.45 3.02 5.86
N THR A 320 26.17 2.88 5.52
CA THR A 320 25.30 2.05 6.34
C THR A 320 25.85 0.63 6.46
N PHE A 321 26.52 0.16 5.41
CA PHE A 321 27.32 -1.06 5.44
C PHE A 321 28.68 -0.68 4.88
N PRO A 322 29.72 -0.57 5.72
CA PRO A 322 30.88 0.27 5.36
C PRO A 322 31.51 0.00 4.00
N ASP A 323 31.83 -1.25 3.68
CA ASP A 323 32.59 -1.51 2.45
C ASP A 323 31.76 -1.36 1.17
N MET A 324 30.54 -0.84 1.29
CA MET A 324 29.67 -0.63 0.16
C MET A 324 30.29 0.37 -0.81
N ASN A 325 29.67 0.52 -1.99
CA ASN A 325 30.22 1.39 -3.01
C ASN A 325 29.12 2.31 -3.48
N ILE A 326 29.53 3.44 -4.06
CA ILE A 326 28.55 4.45 -4.46
C ILE A 326 29.14 5.37 -5.52
N THR A 327 28.59 5.29 -6.73
CA THR A 327 28.72 6.33 -7.75
C THR A 327 27.67 6.13 -8.83
N LYS A 328 26.46 5.80 -8.39
CA LYS A 328 25.31 5.77 -9.29
C LYS A 328 25.28 7.03 -10.14
N ILE A 329 25.31 6.86 -11.46
CA ILE A 329 24.92 7.95 -12.33
C ILE A 329 23.51 8.36 -11.95
N ASP A 330 23.29 9.67 -11.78
CA ASP A 330 22.10 10.06 -11.05
C ASP A 330 21.66 11.47 -11.40
N ALA A 331 20.34 11.68 -11.41
CA ALA A 331 19.78 13.02 -11.54
C ALA A 331 19.87 13.76 -10.21
N SER A 332 19.84 15.08 -10.27
CA SER A 332 19.91 15.90 -9.07
C SER A 332 18.60 16.60 -8.73
N GLU A 333 17.83 17.03 -9.73
CA GLU A 333 16.54 17.69 -9.50
C GLU A 333 15.67 17.62 -10.76
N ASN A 334 15.17 18.75 -11.25
CA ASN A 334 14.46 18.77 -12.53
C ASN A 334 14.62 20.14 -13.17
N PHE A 335 15.04 20.16 -14.44
CA PHE A 335 15.19 21.42 -15.16
C PHE A 335 13.85 22.15 -15.26
N LEU A 336 13.93 23.44 -15.52
CA LEU A 336 12.76 24.23 -15.88
C LEU A 336 12.61 24.24 -17.40
N SER A 337 12.00 25.30 -17.95
CA SER A 337 11.44 25.30 -19.30
C SER A 337 12.42 24.95 -20.42
N ASN A 338 13.49 24.22 -20.12
CA ASN A 338 14.16 23.45 -21.15
C ASN A 338 13.12 22.66 -21.94
N LEU A 339 12.18 22.05 -21.22
CA LEU A 339 11.11 21.27 -21.83
C LEU A 339 9.87 22.14 -22.04
N GLN A 340 8.70 21.48 -22.10
CA GLN A 340 7.38 22.12 -22.19
C GLN A 340 7.18 23.11 -21.06
N GLY A 341 6.60 24.26 -21.39
CA GLY A 341 6.23 25.23 -20.40
C GLY A 341 4.78 25.12 -19.99
N VAL A 342 4.20 23.95 -20.21
CA VAL A 342 2.82 23.68 -19.83
C VAL A 342 2.75 22.27 -19.24
N THR A 343 1.56 21.81 -18.91
CA THR A 343 1.34 20.43 -18.50
C THR A 343 0.70 19.65 -19.66
N ASP A 344 1.42 18.65 -20.14
CA ASP A 344 0.86 17.68 -21.08
C ASP A 344 0.72 16.35 -20.36
N PRO A 345 -0.50 15.86 -20.12
CA PRO A 345 -0.65 14.63 -19.32
C PRO A 345 0.20 13.48 -19.80
N GLU A 346 0.44 13.39 -21.12
CA GLU A 346 1.39 12.41 -21.61
C GLU A 346 2.80 12.75 -21.15
N GLN A 347 3.26 13.99 -21.40
CA GLN A 347 4.66 14.36 -21.19
C GLN A 347 4.94 14.94 -19.81
N LYS A 348 3.92 15.39 -19.09
CA LYS A 348 4.11 15.62 -17.66
C LYS A 348 4.36 14.25 -17.04
N ARG A 349 5.46 14.17 -16.26
CA ARG A 349 5.86 12.97 -15.49
C ARG A 349 6.32 11.76 -16.23
N LYS A 350 6.08 11.69 -17.50
CA LYS A 350 6.35 10.44 -18.21
C LYS A 350 7.82 10.04 -18.13
N ILE A 351 8.69 11.01 -17.87
CA ILE A 351 10.09 10.71 -17.62
C ILE A 351 10.15 9.77 -16.45
N ILE A 352 10.92 8.69 -16.58
CA ILE A 352 11.32 8.02 -15.35
C ILE A 352 12.18 8.97 -14.53
N GLY A 353 12.84 9.91 -15.20
CA GLY A 353 13.63 10.96 -14.59
C GLY A 353 15.02 10.51 -14.19
N LYS A 354 15.15 9.28 -13.72
CA LYS A 354 16.39 8.78 -13.16
C LYS A 354 16.61 7.35 -13.59
N ILE A 357 16.74 3.31 -11.86
CA ILE A 357 16.14 2.09 -12.39
C ILE A 357 16.41 1.91 -13.88
N GLU A 358 17.42 1.09 -14.16
CA GLU A 358 17.84 0.77 -15.52
C GLU A 358 17.93 2.04 -16.35
N GLU A 359 16.89 2.30 -17.15
CA GLU A 359 16.75 3.49 -17.96
C GLU A 359 17.79 3.54 -19.07
N PHE A 360 18.99 3.05 -18.78
CA PHE A 360 20.10 3.04 -19.71
C PHE A 360 20.72 1.65 -19.72
N GLU A 361 21.01 1.14 -20.91
CA GLU A 361 21.68 -0.15 -21.04
C GLU A 361 23.18 -0.04 -21.29
N LYS A 362 23.62 1.04 -21.93
CA LYS A 362 24.99 1.15 -22.42
C LYS A 362 26.02 1.07 -21.30
N ALA A 363 26.29 2.18 -20.63
CA ALA A 363 27.28 2.22 -19.56
C ALA A 363 26.64 2.36 -18.19
N VAL A 364 25.40 1.88 -18.03
CA VAL A 364 24.91 1.64 -16.68
C VAL A 364 25.84 0.67 -15.97
N ASN A 365 26.44 -0.27 -16.71
CA ASN A 365 27.44 -1.18 -16.21
C ASN A 365 28.81 -0.54 -16.37
N ASN A 366 29.50 -0.30 -15.26
CA ASN A 366 30.80 0.34 -15.36
C ASN A 366 31.86 -0.59 -15.91
N ILE A 367 31.70 -1.90 -15.81
CA ILE A 367 32.56 -2.81 -16.55
C ILE A 367 31.80 -3.29 -17.78
N ASP A 368 32.54 -3.59 -18.85
CA ASP A 368 31.89 -4.24 -19.97
C ASP A 368 31.59 -5.67 -19.58
N ILE A 369 30.85 -5.83 -18.49
CA ILE A 369 30.18 -7.07 -18.20
C ILE A 369 29.24 -7.41 -19.36
N ASP A 370 28.94 -8.69 -19.49
CA ASP A 370 28.22 -9.16 -20.66
C ASP A 370 26.89 -8.43 -20.80
N ILE A 371 26.46 -8.26 -22.06
CA ILE A 371 25.33 -7.39 -22.38
C ILE A 371 24.09 -7.82 -21.62
N ASN A 372 23.62 -9.03 -21.88
CA ASN A 372 22.43 -9.55 -21.21
C ASN A 372 22.74 -10.40 -19.99
N LYS A 373 23.90 -11.04 -19.96
CA LYS A 373 24.19 -11.97 -18.87
C LYS A 373 24.22 -11.28 -17.51
N THR A 374 24.46 -9.96 -17.47
CA THR A 374 24.57 -9.28 -16.19
C THR A 374 23.22 -9.28 -15.47
N PHE A 375 23.29 -9.47 -14.15
CA PHE A 375 22.09 -9.58 -13.35
C PHE A 375 21.62 -8.19 -12.91
N LEU A 376 20.51 -8.15 -12.18
CA LEU A 376 19.89 -6.89 -11.80
C LEU A 376 19.19 -7.06 -10.46
N LEU A 377 19.03 -5.94 -9.76
CA LEU A 377 18.09 -5.83 -8.65
C LEU A 377 17.14 -4.69 -8.95
N GLN A 378 15.93 -4.79 -8.41
CA GLN A 378 15.00 -3.68 -8.37
C GLN A 378 14.31 -3.68 -7.01
N GLY A 379 13.88 -2.51 -6.59
CA GLY A 379 13.14 -2.39 -5.34
C GLY A 379 11.65 -2.61 -5.55
N THR A 380 11.29 -3.25 -6.67
CA THR A 380 9.89 -3.47 -6.98
C THR A 380 9.35 -4.63 -6.16
N LEU A 381 8.26 -4.39 -5.46
CA LEU A 381 7.64 -5.41 -4.64
C LEU A 381 6.52 -6.09 -5.40
N TYR A 382 6.08 -7.23 -4.89
CA TYR A 382 4.85 -7.84 -5.38
C TYR A 382 3.69 -6.84 -5.36
N PRO A 383 3.47 -6.04 -4.30
CA PRO A 383 2.49 -4.95 -4.41
C PRO A 383 2.94 -3.78 -5.27
N ASP A 384 4.22 -3.68 -5.60
CA ASP A 384 4.69 -2.58 -6.43
C ASP A 384 4.90 -2.98 -7.89
N ILE A 385 5.31 -4.22 -8.15
CA ILE A 385 5.35 -4.72 -9.51
C ILE A 385 3.97 -5.08 -10.03
N ILE A 386 2.94 -5.02 -9.18
CA ILE A 386 1.61 -5.43 -9.63
C ILE A 386 0.89 -4.28 -10.34
N GLU A 387 1.15 -3.02 -9.97
CA GLU A 387 0.75 -1.92 -10.85
C GLU A 387 1.32 -2.14 -12.24
N SER A 388 2.55 -2.63 -12.29
CA SER A 388 3.24 -2.85 -13.55
C SER A 388 2.57 -3.96 -14.36
N LYS A 389 2.45 -5.15 -13.76
CA LYS A 389 1.85 -6.27 -14.45
C LYS A 389 0.42 -5.96 -14.86
N CYS A 390 -0.33 -5.26 -14.01
CA CYS A 390 -1.75 -4.99 -14.27
C CYS A 390 -1.94 -3.75 -15.13
N SER A 391 -3.01 -3.00 -14.85
CA SER A 391 -3.34 -1.79 -15.59
C SER A 391 -2.44 -0.66 -15.13
N LYS A 392 -1.70 -0.08 -16.08
CA LYS A 392 -0.78 1.02 -15.75
C LYS A 392 -1.55 2.17 -15.14
N ASN A 393 -1.03 2.70 -14.03
CA ASN A 393 -1.80 3.56 -13.16
C ASN A 393 -2.19 4.87 -13.86
N LEU A 394 -3.38 5.35 -13.52
CA LEU A 394 -3.82 6.68 -13.96
C LEU A 394 -3.05 7.77 -13.22
N SER A 395 -3.18 7.83 -11.89
CA SER A 395 -2.72 8.99 -11.15
C SER A 395 -1.27 8.91 -10.66
N ASP A 396 -0.89 7.81 -10.05
CA ASP A 396 0.35 7.78 -9.29
C ASP A 396 1.37 6.84 -9.92
N THR A 397 2.64 7.23 -9.81
CA THR A 397 3.76 6.44 -10.33
C THR A 397 4.87 6.42 -9.29
N ILE A 398 5.39 5.22 -9.01
CA ILE A 398 6.53 5.09 -8.10
C ILE A 398 7.81 4.94 -8.90
N LYS A 399 8.10 3.72 -9.35
CA LYS A 399 9.36 3.43 -10.04
C LYS A 399 9.07 2.51 -11.22
N THR A 400 9.28 3.02 -12.44
CA THR A 400 8.94 2.32 -13.66
C THR A 400 10.05 1.34 -14.04
N HIS A 401 10.31 1.18 -15.35
CA HIS A 401 11.15 0.09 -15.87
C HIS A 401 10.81 -1.25 -15.25
N HIS A 402 9.58 -1.34 -14.75
CA HIS A 402 9.04 -2.48 -14.04
C HIS A 402 7.64 -2.11 -13.61
N ASN A 410 14.17 -10.02 -15.91
CA ASN A 410 12.96 -10.02 -16.72
C ASN A 410 13.29 -10.11 -18.21
N LEU A 411 13.66 -8.98 -18.82
CA LEU A 411 14.08 -8.96 -20.21
C LEU A 411 15.14 -7.89 -20.40
N LYS A 412 15.82 -7.96 -21.55
CA LYS A 412 16.94 -7.09 -21.91
C LYS A 412 18.09 -7.19 -20.92
N PHE A 413 18.03 -8.11 -19.97
CA PHE A 413 19.06 -8.28 -18.95
C PHE A 413 19.06 -9.73 -18.47
N LYS A 414 18.94 -9.93 -17.17
CA LYS A 414 18.94 -11.28 -16.60
C LYS A 414 17.94 -11.35 -15.46
N LEU A 415 17.06 -12.36 -15.53
CA LEU A 415 16.01 -12.56 -14.54
C LEU A 415 16.57 -12.86 -13.15
N PHE A 416 16.47 -11.92 -12.22
CA PHE A 416 16.82 -12.22 -10.84
C PHE A 416 15.61 -12.65 -10.03
N GLU A 417 14.41 -12.16 -10.39
CA GLU A 417 13.14 -12.51 -9.76
C GLU A 417 13.14 -12.35 -8.25
N PRO A 418 13.53 -11.19 -7.69
CA PRO A 418 13.44 -11.01 -6.24
C PRO A 418 12.07 -10.48 -5.82
N PHE A 419 11.36 -9.93 -6.77
CA PHE A 419 10.01 -9.48 -6.51
C PHE A 419 9.24 -10.73 -6.26
N LYS A 420 8.15 -10.66 -5.51
CA LYS A 420 7.35 -11.82 -5.12
C LYS A 420 7.73 -12.27 -3.74
N TYR A 421 8.78 -11.72 -3.14
CA TYR A 421 9.27 -12.18 -1.84
C TYR A 421 8.39 -11.79 -0.65
N LEU A 422 8.18 -10.50 -0.43
CA LEU A 422 7.34 -10.05 0.67
C LEU A 422 6.75 -8.67 0.35
N PHE A 423 5.83 -8.23 1.20
CA PHE A 423 4.94 -7.11 0.91
C PHE A 423 5.53 -5.79 1.40
N LYS A 424 4.68 -4.78 1.55
CA LYS A 424 5.12 -3.42 1.89
C LYS A 424 5.51 -3.30 3.36
N ASP A 425 4.60 -3.65 4.27
CA ASP A 425 4.97 -3.69 5.68
C ASP A 425 6.08 -4.69 5.93
N ASP A 426 6.11 -5.77 5.14
CA ASP A 426 7.17 -6.77 5.30
C ASP A 426 8.53 -6.20 4.93
N VAL A 427 8.59 -5.32 3.93
CA VAL A 427 9.89 -4.73 3.60
C VAL A 427 10.19 -3.44 4.35
N LYS A 428 9.19 -2.82 4.96
CA LYS A 428 9.47 -1.77 5.93
C LYS A 428 10.04 -2.38 7.20
N THR A 429 9.56 -3.57 7.57
CA THR A 429 10.17 -4.36 8.62
C THR A 429 11.43 -5.08 8.15
N LEU A 430 11.68 -5.16 6.84
CA LEU A 430 12.90 -5.78 6.34
C LEU A 430 14.16 -5.21 6.99
N SER A 431 14.08 -3.98 7.52
CA SER A 431 15.11 -3.51 8.43
C SER A 431 15.31 -4.50 9.57
N ARG A 432 14.20 -5.07 10.07
CA ARG A 432 14.19 -6.25 10.92
C ARG A 432 15.31 -6.32 11.95
N GLU A 433 15.99 -7.47 11.95
CA GLU A 433 17.13 -7.69 12.82
C GLU A 433 18.36 -6.92 12.38
N LEU A 434 18.38 -6.39 11.15
CA LEU A 434 19.47 -5.51 10.76
C LEU A 434 19.52 -4.25 11.62
N ASN A 435 18.46 -3.96 12.37
CA ASN A 435 18.45 -2.90 13.38
C ASN A 435 18.94 -1.59 12.79
N LEU A 436 18.35 -1.21 11.65
CA LEU A 436 18.85 -0.11 10.87
C LEU A 436 18.47 1.23 11.49
N PRO A 437 19.23 2.29 11.19
CA PRO A 437 18.93 3.60 11.78
C PRO A 437 17.48 4.00 11.58
N GLU A 438 16.86 4.47 12.66
CA GLU A 438 15.43 4.75 12.65
C GLU A 438 15.08 6.08 11.99
N GLU A 439 16.03 7.02 11.92
CA GLU A 439 15.74 8.29 11.28
C GLU A 439 15.54 8.14 9.78
N ILE A 440 16.04 7.04 9.19
CA ILE A 440 15.79 6.75 7.80
C ILE A 440 14.40 6.15 7.61
N THR A 441 13.91 5.41 8.61
CA THR A 441 12.54 4.88 8.55
C THR A 441 11.51 5.95 8.89
N ASN A 442 11.88 6.93 9.72
CA ASN A 442 10.99 8.05 10.00
C ASN A 442 10.82 8.94 8.77
N ARG A 443 11.84 9.01 7.93
CA ARG A 443 11.68 9.65 6.63
C ARG A 443 10.85 8.77 5.72
N HIS A 444 9.93 9.39 4.99
CA HIS A 444 8.98 8.64 4.19
C HIS A 444 9.59 8.29 2.84
N PRO A 445 9.08 7.26 2.17
CA PRO A 445 9.69 6.85 0.90
C PRO A 445 9.49 7.90 -0.19
N PHE A 446 10.32 7.78 -1.23
CA PHE A 446 10.27 8.69 -2.38
C PHE A 446 10.08 7.85 -3.64
N PRO A 447 9.09 8.17 -4.47
CA PRO A 447 8.97 7.49 -5.76
C PRO A 447 10.09 7.84 -6.72
N GLY A 448 9.80 7.77 -8.02
CA GLY A 448 10.81 8.02 -9.02
C GLY A 448 10.68 9.24 -9.93
N PRO A 449 9.58 10.03 -9.89
CA PRO A 449 9.52 11.18 -10.80
C PRO A 449 10.24 12.42 -10.25
N GLY A 450 10.09 12.67 -8.95
CA GLY A 450 10.58 13.91 -8.36
C GLY A 450 9.50 14.98 -8.40
N LEU A 451 9.93 16.24 -8.37
CA LEU A 451 8.96 17.32 -8.57
C LEU A 451 8.75 17.61 -10.04
N ALA A 452 8.85 16.59 -10.88
CA ALA A 452 8.26 16.62 -12.21
C ALA A 452 6.83 16.12 -12.18
N ILE A 453 6.46 15.36 -11.16
CA ILE A 453 5.07 14.99 -10.93
C ILE A 453 4.35 16.13 -10.23
N ARG A 454 3.24 16.55 -10.83
CA ARG A 454 2.36 17.59 -10.28
C ARG A 454 3.09 18.91 -10.08
N VAL A 455 4.13 19.15 -10.87
CA VAL A 455 4.69 20.48 -11.05
C VAL A 455 4.60 20.81 -12.53
N ILE A 456 3.93 21.91 -12.86
CA ILE A 456 3.41 22.13 -14.20
C ILE A 456 4.30 23.10 -14.95
N GLY A 457 4.69 22.71 -16.16
CA GLY A 457 5.23 23.68 -17.11
C GLY A 457 6.64 24.11 -16.77
N GLU A 458 6.91 25.40 -16.96
CA GLU A 458 8.26 25.91 -16.83
C GLU A 458 8.98 25.83 -15.46
N ILE A 459 8.91 26.85 -14.61
CA ILE A 459 9.61 26.90 -13.29
C ILE A 459 11.08 27.41 -13.29
N ASN A 460 11.79 27.33 -12.16
CA ASN A 460 13.22 27.74 -12.08
C ASN A 460 13.88 27.65 -10.71
N LYS A 461 14.86 28.54 -10.46
CA LYS A 461 15.58 28.56 -9.20
C LYS A 461 14.72 29.14 -8.08
N HIS A 462 13.99 30.22 -8.37
CA HIS A 462 13.06 30.77 -7.39
C HIS A 462 11.88 29.83 -7.17
N LYS A 463 12.11 28.52 -7.34
CA LYS A 463 11.08 27.51 -7.24
C LYS A 463 11.72 26.25 -6.68
N LEU A 464 10.88 25.30 -6.29
CA LEU A 464 11.34 24.09 -5.63
C LEU A 464 11.84 23.10 -6.67
N ASN A 465 13.14 22.83 -6.64
CA ASN A 465 13.74 21.74 -7.41
C ASN A 465 14.55 20.79 -6.54
N ILE A 466 15.09 21.25 -5.42
CA ILE A 466 15.79 20.37 -4.48
C ILE A 466 14.87 19.98 -3.32
N LEU A 467 13.55 20.05 -3.51
CA LEU A 467 12.56 19.57 -2.53
C LEU A 467 12.79 20.18 -1.15
N ARG A 468 13.12 21.47 -1.14
CA ARG A 468 13.30 22.22 0.10
C ARG A 468 11.97 22.72 0.66
N GLU A 469 10.84 22.24 0.13
CA GLU A 469 9.52 22.59 0.65
C GLU A 469 8.70 21.33 0.94
N VAL A 470 7.38 21.54 1.13
CA VAL A 470 6.41 20.65 1.76
C VAL A 470 7.01 19.40 2.41
N ASP A 471 7.11 18.31 1.65
CA ASP A 471 7.49 16.99 2.13
C ASP A 471 8.48 17.02 3.28
N ASP A 472 9.71 17.43 3.00
CA ASP A 472 10.78 17.35 3.98
C ASP A 472 10.49 18.24 5.19
N ILE A 473 9.90 19.42 4.97
CA ILE A 473 9.37 20.21 6.06
C ILE A 473 8.63 19.28 7.01
N PHE A 474 7.55 18.67 6.54
CA PHE A 474 6.81 17.74 7.38
C PHE A 474 7.74 16.71 8.00
N ILE A 475 8.59 16.08 7.17
CA ILE A 475 9.48 15.04 7.67
C ILE A 475 10.26 15.52 8.89
N ASN A 476 10.80 16.73 8.81
CA ASN A 476 11.71 17.18 9.87
C ASN A 476 10.98 17.37 11.19
N ASP A 477 9.69 17.68 11.16
CA ASP A 477 8.90 17.77 12.37
C ASP A 477 7.95 16.59 12.53
N LEU A 478 8.02 15.61 11.62
CA LEU A 478 7.35 14.34 11.82
C LEU A 478 8.15 13.45 12.76
N LYS A 479 9.47 13.63 12.78
CA LYS A 479 10.38 12.83 13.59
C LYS A 479 10.43 13.30 15.04
N GLN A 480 10.45 14.62 15.26
CA GLN A 480 10.73 15.16 16.58
C GLN A 480 9.56 15.83 17.27
N TYR A 481 8.47 16.14 16.56
CA TYR A 481 7.28 16.62 17.23
C TYR A 481 6.29 15.50 17.54
N GLY A 482 6.25 14.47 16.70
CA GLY A 482 5.52 13.25 17.03
C GLY A 482 4.37 12.88 16.14
N LEU A 483 4.56 12.96 14.82
CA LEU A 483 3.45 12.76 13.88
C LEU A 483 3.62 11.57 12.95
N TYR A 484 4.82 10.98 12.84
CA TYR A 484 4.98 9.83 11.95
C TYR A 484 4.22 8.62 12.45
N ASN A 485 4.08 8.49 13.78
CA ASN A 485 3.33 7.39 14.35
C ASN A 485 1.95 7.25 13.71
N GLN A 486 1.28 8.37 13.44
CA GLN A 486 -0.05 8.36 12.87
C GLN A 486 -0.06 8.67 11.38
N ILE A 487 0.62 9.73 10.96
CA ILE A 487 0.60 10.18 9.57
C ILE A 487 1.69 9.44 8.79
N SER A 488 1.39 9.07 7.54
CA SER A 488 2.27 8.19 6.79
C SER A 488 3.16 8.93 5.80
N GLN A 489 2.59 9.77 4.93
CA GLN A 489 3.38 10.37 3.87
C GLN A 489 2.87 11.77 3.55
N ALA A 490 3.69 12.53 2.83
CA ALA A 490 3.37 13.88 2.40
C ALA A 490 4.33 14.31 1.29
N PHE A 491 3.83 15.18 0.40
CA PHE A 491 4.56 15.55 -0.81
C PHE A 491 4.19 16.98 -1.20
N ALA A 492 4.84 17.48 -2.26
CA ALA A 492 4.68 18.85 -2.73
C ALA A 492 4.00 18.89 -4.09
N VAL A 493 3.24 19.96 -4.34
CA VAL A 493 2.49 20.13 -5.58
C VAL A 493 2.53 21.60 -6.00
N LEU A 494 3.37 21.93 -6.97
CA LEU A 494 3.59 23.30 -7.42
C LEU A 494 2.97 23.48 -8.80
N LEU A 495 2.42 24.67 -9.05
CA LEU A 495 1.64 24.92 -10.27
C LEU A 495 1.99 26.32 -10.79
N SER A 496 2.86 26.39 -11.81
CA SER A 496 3.29 27.66 -12.39
C SER A 496 3.41 27.53 -13.91
N SER A 497 2.28 27.49 -14.60
CA SER A 497 2.29 27.47 -16.05
C SER A 497 2.13 28.86 -16.66
N LYS A 498 1.35 29.73 -16.02
CA LYS A 498 1.22 31.12 -16.44
C LYS A 498 1.10 31.97 -15.17
N SER A 499 0.69 33.22 -15.32
CA SER A 499 0.54 34.11 -14.18
C SER A 499 -0.38 35.29 -14.52
N TYR A 509 -2.37 32.86 -15.68
CA TYR A 509 -3.41 32.94 -14.66
C TYR A 509 -2.80 33.07 -13.26
N ASP A 510 -2.30 31.97 -12.73
CA ASP A 510 -1.89 31.90 -11.34
C ASP A 510 -0.82 30.83 -11.18
N TYR A 511 0.07 31.03 -10.21
CA TYR A 511 1.13 30.06 -9.91
C TYR A 511 1.21 29.85 -8.40
N VAL A 512 0.61 28.75 -7.93
CA VAL A 512 0.53 28.41 -6.51
C VAL A 512 1.43 27.22 -6.19
N CYS A 513 1.40 26.79 -4.93
CA CYS A 513 1.91 25.48 -4.54
C CYS A 513 1.18 25.07 -3.27
N VAL A 514 0.58 23.88 -3.28
CA VAL A 514 -0.46 23.52 -2.33
C VAL A 514 -0.06 22.24 -1.60
N LEU A 515 -0.21 22.24 -0.28
CA LEU A 515 0.19 21.12 0.55
C LEU A 515 -0.98 20.16 0.77
N ARG A 516 -0.62 18.95 1.19
CA ARG A 516 -1.57 17.91 1.61
C ARG A 516 -0.77 16.72 2.13
N ALA A 517 -1.44 15.87 2.89
CA ALA A 517 -0.81 14.69 3.47
C ALA A 517 -1.67 13.46 3.18
N VAL A 518 -1.05 12.29 3.28
CA VAL A 518 -1.72 11.03 3.00
C VAL A 518 -1.46 10.07 4.15
N LYS A 519 -2.48 9.27 4.49
CA LYS A 519 -2.38 8.20 5.48
C LYS A 519 -2.64 6.88 4.77
N THR A 520 -1.63 6.37 4.06
CA THR A 520 -1.80 5.27 3.13
C THR A 520 -0.90 4.10 3.48
N SER A 521 -1.45 2.89 3.40
CA SER A 521 -0.69 1.65 3.34
C SER A 521 -0.56 1.18 1.90
N SER A 522 -1.69 0.95 1.24
CA SER A 522 -1.73 0.76 -0.21
C SER A 522 -1.32 2.06 -0.88
N PHE A 523 -1.44 2.12 -2.20
CA PHE A 523 -0.78 3.18 -2.95
C PHE A 523 -1.63 4.42 -3.15
N MET A 524 -2.88 4.44 -2.70
CA MET A 524 -3.63 5.69 -2.71
C MET A 524 -4.64 5.71 -1.58
N THR A 525 -4.48 6.67 -0.67
CA THR A 525 -5.57 7.24 0.10
C THR A 525 -5.06 8.54 0.71
N ALA A 526 -5.67 9.65 0.32
CA ALA A 526 -5.24 10.98 0.75
C ALA A 526 -6.51 11.72 1.14
N ASN A 527 -6.93 11.59 2.39
CA ASN A 527 -8.07 12.34 2.88
C ASN A 527 -7.60 13.34 3.93
N TRP A 528 -8.52 14.22 4.30
CA TRP A 528 -8.19 15.29 5.24
C TRP A 528 -7.94 14.72 6.63
N TYR A 529 -6.79 15.08 7.20
CA TYR A 529 -6.43 14.70 8.55
C TYR A 529 -6.45 15.93 9.44
N GLN A 530 -6.82 15.75 10.71
CA GLN A 530 -6.89 16.86 11.66
C GLN A 530 -5.51 17.09 12.25
N ILE A 531 -4.70 17.88 11.58
CA ILE A 531 -3.57 18.50 12.27
C ILE A 531 -4.12 19.50 13.29
N PRO A 532 -3.68 19.45 14.56
CA PRO A 532 -4.40 20.14 15.65
C PRO A 532 -4.99 21.50 15.30
N TYR A 533 -6.10 21.41 14.58
CA TYR A 533 -6.98 22.52 14.19
C TYR A 533 -6.67 23.88 14.80
N ARG A 552 0.51 31.65 -0.19
CA ARG A 552 -0.80 31.12 0.16
C ARG A 552 -0.83 29.59 0.04
N ILE A 553 -0.09 28.92 0.91
CA ILE A 553 -0.08 27.47 0.93
C ILE A 553 -1.40 26.95 1.48
N LEU A 554 -1.92 25.88 0.88
CA LEU A 554 -3.24 25.37 1.20
C LEU A 554 -3.13 23.92 1.61
N TYR A 555 -3.85 23.54 2.68
CA TYR A 555 -3.94 22.13 3.03
C TYR A 555 -5.08 21.49 2.24
N ASP A 556 -6.26 21.38 2.86
CA ASP A 556 -7.42 20.73 2.23
C ASP A 556 -8.66 21.58 2.50
N VAL A 557 -8.82 22.66 1.73
CA VAL A 557 -10.09 23.37 1.70
C VAL A 557 -11.05 22.73 0.72
N SER A 558 -10.55 22.34 -0.45
CA SER A 558 -11.38 21.65 -1.42
C SER A 558 -11.86 20.32 -0.86
N SER A 559 -13.02 19.88 -1.34
CA SER A 559 -13.28 18.44 -1.31
C SER A 559 -12.13 17.77 -2.04
N LYS A 560 -11.75 16.58 -1.57
CA LYS A 560 -10.42 16.07 -1.90
C LYS A 560 -10.18 16.03 -3.41
N PRO A 561 -10.87 15.22 -4.21
CA PRO A 561 -11.02 15.56 -5.63
C PRO A 561 -11.90 16.79 -5.80
N PRO A 562 -11.74 17.54 -6.91
CA PRO A 562 -10.92 17.25 -8.11
C PRO A 562 -9.40 17.37 -7.97
N ALA A 563 -8.85 17.36 -6.75
CA ALA A 563 -7.42 17.23 -6.54
C ALA A 563 -7.10 15.81 -6.08
N THR A 564 -5.95 15.33 -6.50
CA THR A 564 -5.53 13.96 -6.23
C THR A 564 -4.26 14.03 -5.36
N ILE A 565 -3.74 12.85 -4.99
CA ILE A 565 -2.41 12.78 -4.39
C ILE A 565 -1.44 13.62 -5.20
N GLU A 566 -1.41 13.39 -6.51
CA GLU A 566 -0.73 14.25 -7.47
C GLU A 566 -1.81 14.70 -8.44
N PHE A 567 -2.50 15.78 -8.08
CA PHE A 567 -3.69 16.29 -8.78
C PHE A 567 -3.60 16.24 -10.30
#